data_4IYP
#
_entry.id   4IYP
#
_cell.length_a   116.127
_cell.length_b   116.127
_cell.length_c   81.230
_cell.angle_alpha   90.00
_cell.angle_beta   90.00
_cell.angle_gamma   120.00
#
_symmetry.space_group_name_H-M   'P 32 2 1'
#
loop_
_entity.id
_entity.type
_entity.pdbx_description
1 polymer 'Immunoglobulin-binding protein 1'
2 polymer 'Serine/threonine-protein phosphatase 2A catalytic subunit alpha isoform'
3 water water
#
loop_
_entity_poly.entity_id
_entity_poly.type
_entity_poly.pdbx_seq_one_letter_code
_entity_poly.pdbx_strand_id
1 'polypeptide(L)'
;GS(MSE)AAEDELQLPRLPELFETGRQLLDEVEVATEPAGSRIVQEKVFKGLDLLEKAAE(MSE)LSQLDLFSRNEDLEE
IASTDLKYLLVPAFQGALT(MSE)KQVNPSKRLDHLQRAREHFINYLTQCHCYHVAEFELPS(MSE)AYPSLVA(MSE)A
SQRQAKIQRYKQKKELEHRLSA(MSE)KSAVESGQADDERVREYYLLHLQRWIDISLEEIESIDQEIKILRERDSSREAS
TSNSSR
;
A
2 'polypeptide(L)'
;GS(MSE)FTKELDQWIEQLNECKQLSESQVKSLCEKAKEILTKESNVQEVRCPVTVCGDVHGQFHDL(MSE)ELFRIGGK
SPDTNYLF(MSE)GDYVDRGYYSVETVTLLVALKVRYRERITILRGNHESRQITQVYGFYDECLRKYGNANVWKYFTDLF
DYL
;
C
#
# COMPACT_ATOMS: atom_id res chain seq x y z
N SER A 2 -33.83 31.11 10.15
CA SER A 2 -32.71 30.58 9.35
C SER A 2 -31.34 30.80 9.98
N MSE A 3 -31.16 31.95 10.64
CA MSE A 3 -29.97 32.15 11.45
C MSE A 3 -30.09 31.29 12.69
O MSE A 3 -29.12 30.70 13.16
CB MSE A 3 -29.82 33.61 11.84
CG MSE A 3 -28.92 34.39 10.92
SE MSE A 3 -29.45 36.24 10.84
CE MSE A 3 -29.08 36.74 12.69
N ALA A 4 -31.31 31.24 13.23
CA ALA A 4 -31.64 30.38 14.36
C ALA A 4 -31.27 28.93 14.06
N ALA A 5 -31.83 28.39 12.99
CA ALA A 5 -31.62 26.98 12.61
C ALA A 5 -30.15 26.58 12.50
N GLU A 6 -29.29 27.58 12.32
CA GLU A 6 -27.86 27.36 12.09
C GLU A 6 -27.11 27.30 13.41
N ASP A 7 -27.50 28.21 14.29
CA ASP A 7 -27.04 28.26 15.67
C ASP A 7 -27.36 26.94 16.35
N GLU A 8 -28.60 26.50 16.16
CA GLU A 8 -29.12 25.27 16.78
C GLU A 8 -28.58 23.98 16.18
N LEU A 9 -28.05 23.99 14.95
CA LEU A 9 -27.51 22.74 14.43
C LEU A 9 -26.14 22.42 15.02
N GLN A 10 -26.03 21.18 15.50
CA GLN A 10 -24.80 20.68 16.07
C GLN A 10 -24.24 19.62 15.14
N LEU A 11 -23.16 19.97 14.44
CA LEU A 11 -22.47 19.05 13.54
C LEU A 11 -21.43 18.19 14.30
N PRO A 12 -20.94 17.10 13.67
CA PRO A 12 -19.86 16.32 14.30
C PRO A 12 -18.64 17.16 14.61
N ARG A 13 -18.06 16.95 15.79
CA ARG A 13 -16.81 17.60 16.17
C ARG A 13 -15.57 16.77 15.80
N LEU A 14 -14.38 17.30 16.10
CA LEU A 14 -13.10 16.70 15.69
C LEU A 14 -12.93 15.22 16.01
N PRO A 15 -13.07 14.83 17.30
CA PRO A 15 -12.86 13.41 17.63
C PRO A 15 -13.78 12.46 16.86
N GLU A 16 -15.02 12.88 16.59
CA GLU A 16 -15.95 12.05 15.83
C GLU A 16 -15.54 11.98 14.38
N LEU A 17 -15.21 13.14 13.83
CA LEU A 17 -14.80 13.26 12.44
C LEU A 17 -13.61 12.36 12.19
N PHE A 18 -12.65 12.41 13.10
CA PHE A 18 -11.46 11.59 13.00
C PHE A 18 -11.83 10.11 13.14
N GLU A 19 -12.53 9.75 14.22
CA GLU A 19 -12.84 8.35 14.46
C GLU A 19 -13.66 7.72 13.34
N THR A 20 -14.61 8.45 12.81
CA THR A 20 -15.42 7.90 11.73
C THR A 20 -14.62 7.71 10.45
N GLY A 21 -13.85 8.71 10.05
CA GLY A 21 -13.00 8.60 8.87
C GLY A 21 -12.00 7.46 9.00
N ARG A 22 -11.53 7.21 10.23
CA ARG A 22 -10.60 6.13 10.48
C ARG A 22 -11.34 4.80 10.29
N GLN A 23 -12.55 4.68 10.84
CA GLN A 23 -13.33 3.44 10.71
C GLN A 23 -13.56 3.13 9.24
N LEU A 24 -13.86 4.17 8.46
CA LEU A 24 -14.19 4.00 7.05
C LEU A 24 -12.98 3.51 6.28
N LEU A 25 -11.82 4.12 6.50
CA LEU A 25 -10.60 3.64 5.84
C LEU A 25 -10.33 2.19 6.17
N ASP A 26 -10.42 1.83 7.45
CA ASP A 26 -10.24 0.45 7.90
C ASP A 26 -11.16 -0.50 7.14
N GLU A 27 -12.40 -0.09 6.95
CA GLU A 27 -13.41 -0.91 6.28
C GLU A 27 -13.06 -1.17 4.81
N VAL A 28 -12.69 -0.11 4.10
CA VAL A 28 -12.29 -0.19 2.71
C VAL A 28 -11.03 -1.06 2.50
N GLU A 29 -10.15 -1.06 3.50
CA GLU A 29 -8.86 -1.75 3.43
C GLU A 29 -9.03 -3.29 3.53
N VAL A 30 -10.19 -3.72 4.02
CA VAL A 30 -10.45 -5.14 4.20
C VAL A 30 -11.76 -5.54 3.55
N ALA A 31 -12.30 -4.64 2.73
CA ALA A 31 -13.57 -4.86 2.04
C ALA A 31 -13.52 -6.13 1.21
N THR A 32 -14.48 -7.02 1.46
CA THR A 32 -14.54 -8.28 0.74
C THR A 32 -15.37 -8.10 -0.53
N GLU A 33 -15.99 -6.92 -0.66
CA GLU A 33 -16.64 -6.52 -1.89
C GLU A 33 -15.57 -6.02 -2.86
N PRO A 34 -15.89 -5.94 -4.16
CA PRO A 34 -14.91 -5.40 -5.11
C PRO A 34 -14.55 -3.93 -4.84
N ALA A 35 -13.30 -3.60 -5.07
CA ALA A 35 -12.76 -2.27 -4.80
C ALA A 35 -13.58 -1.15 -5.43
N GLY A 36 -13.97 -1.33 -6.68
CA GLY A 36 -14.60 -0.27 -7.45
C GLY A 36 -16.10 -0.35 -7.47
N SER A 37 -16.65 -1.06 -6.48
CA SER A 37 -18.09 -1.17 -6.32
C SER A 37 -18.64 0.06 -5.60
N ARG A 38 -19.93 0.33 -5.82
CA ARG A 38 -20.63 1.43 -5.17
C ARG A 38 -20.51 1.36 -3.66
N ILE A 39 -20.57 0.14 -3.13
CA ILE A 39 -20.50 -0.08 -1.68
C ILE A 39 -19.19 0.45 -1.09
N VAL A 40 -18.07 0.11 -1.74
CA VAL A 40 -16.77 0.56 -1.30
C VAL A 40 -16.51 2.03 -1.67
N GLN A 41 -16.91 2.42 -2.88
CA GLN A 41 -16.61 3.77 -3.37
C GLN A 41 -17.34 4.82 -2.54
N GLU A 42 -18.55 4.50 -2.11
CA GLU A 42 -19.30 5.39 -1.25
C GLU A 42 -18.61 5.59 0.09
N LYS A 43 -17.95 4.56 0.61
CA LYS A 43 -17.29 4.69 1.90
C LYS A 43 -16.07 5.56 1.74
N VAL A 44 -15.38 5.43 0.61
CA VAL A 44 -14.21 6.25 0.30
C VAL A 44 -14.60 7.74 0.22
N PHE A 45 -15.70 8.03 -0.48
CA PHE A 45 -16.18 9.40 -0.63
C PHE A 45 -16.53 10.02 0.73
N LYS A 46 -17.14 9.22 1.60
CA LYS A 46 -17.61 9.70 2.89
C LYS A 46 -16.42 9.95 3.79
N GLY A 47 -15.48 9.01 3.77
CA GLY A 47 -14.25 9.11 4.53
C GLY A 47 -13.45 10.34 4.17
N LEU A 48 -13.26 10.58 2.88
CA LEU A 48 -12.48 11.75 2.43
C LEU A 48 -13.15 13.02 2.89
N ASP A 49 -14.48 13.05 2.80
CA ASP A 49 -15.23 14.17 3.26
C ASP A 49 -15.05 14.42 4.78
N LEU A 50 -15.09 13.35 5.57
CA LEU A 50 -14.94 13.49 7.01
C LEU A 50 -13.54 13.99 7.40
N LEU A 51 -12.52 13.32 6.86
CA LEU A 51 -11.14 13.70 7.08
C LEU A 51 -10.88 15.10 6.56
N GLU A 52 -11.57 15.50 5.50
CA GLU A 52 -11.33 16.81 4.92
C GLU A 52 -11.79 17.84 5.96
N LYS A 53 -12.84 17.46 6.68
CA LYS A 53 -13.41 18.31 7.71
C LYS A 53 -12.56 18.30 8.97
N ALA A 54 -11.94 17.18 9.24
CA ALA A 54 -11.05 17.09 10.39
C ALA A 54 -9.83 17.98 10.12
N ALA A 55 -9.25 17.80 8.95
CA ALA A 55 -8.09 18.57 8.55
C ALA A 55 -8.32 20.08 8.74
N GLU A 56 -9.54 20.54 8.46
CA GLU A 56 -9.85 21.95 8.52
C GLU A 56 -9.99 22.39 9.96
N MSE A 57 -10.53 21.49 10.78
CA MSE A 57 -10.68 21.78 12.19
C MSE A 57 -9.29 21.95 12.77
O MSE A 57 -9.04 22.90 13.53
CB MSE A 57 -11.43 20.61 12.85
CG MSE A 57 -12.12 20.91 14.18
SE MSE A 57 -13.27 22.45 14.15
CE MSE A 57 -11.95 23.77 14.71
N LEU A 58 -8.38 21.04 12.39
CA LEU A 58 -7.01 21.03 12.92
C LEU A 58 -6.24 22.28 12.53
N SER A 59 -6.45 22.74 11.31
CA SER A 59 -5.81 23.94 10.79
C SER A 59 -6.21 25.13 11.66
N GLN A 60 -7.49 25.24 11.97
CA GLN A 60 -8.06 26.35 12.73
C GLN A 60 -7.61 26.31 14.19
N LEU A 61 -7.43 25.10 14.70
CA LEU A 61 -6.99 24.92 16.06
C LEU A 61 -5.48 25.13 16.22
N ASP A 62 -4.74 25.00 15.11
CA ASP A 62 -3.28 25.02 15.11
C ASP A 62 -2.64 24.18 16.22
N LEU A 63 -3.04 22.90 16.31
CA LEU A 63 -2.51 21.98 17.30
C LEU A 63 -1.03 21.76 17.12
N PHE A 64 -0.62 21.75 15.86
CA PHE A 64 0.74 21.41 15.52
C PHE A 64 1.42 22.59 14.84
N SER A 65 2.48 23.09 15.47
CA SER A 65 3.31 24.10 14.85
C SER A 65 4.45 23.35 14.16
N ARG A 66 5.44 24.07 13.63
CA ARG A 66 6.53 23.43 12.92
C ARG A 66 7.83 23.63 13.71
N ASN A 67 7.76 24.45 14.75
CA ASN A 67 8.86 24.67 15.66
C ASN A 67 8.52 24.16 17.06
N GLU A 68 8.12 22.89 17.16
CA GLU A 68 7.71 22.30 18.42
C GLU A 68 8.35 20.92 18.63
N ASP A 69 8.45 20.51 19.90
CA ASP A 69 8.96 19.21 20.29
C ASP A 69 7.79 18.23 20.45
N LEU A 70 7.96 16.97 20.06
CA LEU A 70 6.87 15.98 20.18
C LEU A 70 6.30 15.76 21.61
N GLU A 71 7.10 15.99 22.65
CA GLU A 71 6.63 15.90 24.04
C GLU A 71 5.59 16.97 24.40
N GLU A 72 5.54 18.04 23.61
CA GLU A 72 4.65 19.14 23.90
C GLU A 72 3.25 18.86 23.38
N ILE A 73 3.14 17.85 22.53
CA ILE A 73 1.83 17.40 22.07
C ILE A 73 1.24 16.39 23.04
N ALA A 74 0.01 16.65 23.45
CA ALA A 74 -0.75 15.76 24.32
C ALA A 74 -0.85 14.37 23.72
N SER A 75 -1.00 13.39 24.60
CA SER A 75 -1.18 12.01 24.17
C SER A 75 -2.33 11.80 23.19
N THR A 76 -3.50 12.33 23.52
CA THR A 76 -4.68 12.10 22.68
C THR A 76 -4.67 12.91 21.39
N ASP A 77 -3.86 13.97 21.34
CA ASP A 77 -3.74 14.74 20.11
C ASP A 77 -2.81 14.07 19.11
N LEU A 78 -2.02 13.12 19.60
CA LEU A 78 -1.04 12.42 18.76
C LEU A 78 -1.68 11.83 17.51
N LYS A 79 -2.88 11.27 17.67
CA LYS A 79 -3.54 10.58 16.57
C LYS A 79 -3.80 11.51 15.39
N TYR A 80 -4.16 12.76 15.69
CA TYR A 80 -4.49 13.76 14.67
C TYR A 80 -3.37 13.97 13.66
N LEU A 81 -2.14 13.68 14.04
CA LEU A 81 -1.03 13.71 13.12
C LEU A 81 -1.27 12.80 11.92
N LEU A 82 -2.06 11.73 12.13
CA LEU A 82 -2.29 10.74 11.09
C LEU A 82 -3.22 11.18 9.95
N VAL A 83 -3.98 12.26 10.16
CA VAL A 83 -4.99 12.67 9.17
C VAL A 83 -4.49 12.73 7.70
N PRO A 84 -3.41 13.49 7.44
CA PRO A 84 -2.92 13.57 6.05
C PRO A 84 -2.61 12.19 5.48
N ALA A 85 -2.08 11.29 6.30
CA ALA A 85 -1.72 9.96 5.82
C ALA A 85 -2.97 9.15 5.46
N PHE A 86 -4.03 9.32 6.24
CA PHE A 86 -5.27 8.66 5.95
C PHE A 86 -5.86 9.21 4.65
N GLN A 87 -5.82 10.54 4.49
CA GLN A 87 -6.27 11.20 3.27
C GLN A 87 -5.58 10.62 2.03
N GLY A 88 -4.26 10.49 2.10
CA GLY A 88 -3.51 9.83 1.04
C GLY A 88 -4.03 8.43 0.74
N ALA A 89 -4.22 7.65 1.80
CA ALA A 89 -4.66 6.28 1.68
C ALA A 89 -6.01 6.21 0.99
N LEU A 90 -6.95 7.01 1.47
CA LEU A 90 -8.27 6.97 0.91
C LEU A 90 -8.31 7.45 -0.53
N THR A 91 -7.54 8.49 -0.82
CA THR A 91 -7.46 9.06 -2.16
C THR A 91 -7.08 8.00 -3.18
N MSE A 92 -6.12 7.15 -2.81
CA MSE A 92 -5.65 6.03 -3.63
C MSE A 92 -6.75 4.99 -3.87
O MSE A 92 -6.73 4.31 -4.89
CB MSE A 92 -4.47 5.32 -2.97
CG MSE A 92 -3.19 6.13 -2.93
SE MSE A 92 -2.53 6.75 -4.67
CE MSE A 92 -1.67 5.10 -5.28
N LYS A 93 -7.65 4.84 -2.91
CA LYS A 93 -8.73 3.88 -3.01
C LYS A 93 -9.88 4.31 -3.95
N GLN A 94 -9.81 5.50 -4.54
CA GLN A 94 -10.81 5.89 -5.52
C GLN A 94 -10.55 5.16 -6.83
N VAL A 95 -11.62 4.70 -7.49
CA VAL A 95 -11.50 4.21 -8.86
C VAL A 95 -12.20 5.18 -9.83
N ASN A 96 -11.47 5.69 -10.81
CA ASN A 96 -12.01 6.59 -11.82
C ASN A 96 -10.89 6.94 -12.77
N PRO A 97 -10.59 6.01 -13.68
CA PRO A 97 -9.37 6.01 -14.49
C PRO A 97 -9.14 7.33 -15.21
N SER A 98 -10.22 7.95 -15.69
CA SER A 98 -10.13 9.25 -16.34
C SER A 98 -9.40 10.27 -15.45
N LYS A 99 -9.52 10.10 -14.13
CA LYS A 99 -8.95 11.03 -13.19
C LYS A 99 -7.87 10.40 -12.29
N ARG A 100 -7.20 9.36 -12.80
CA ARG A 100 -6.21 8.67 -11.97
C ARG A 100 -4.98 9.54 -11.68
N LEU A 101 -4.46 10.19 -12.72
CA LEU A 101 -3.31 11.06 -12.58
C LEU A 101 -3.61 12.18 -11.58
N ASP A 102 -4.85 12.66 -11.55
CA ASP A 102 -5.24 13.66 -10.58
C ASP A 102 -5.16 13.07 -9.18
N HIS A 103 -5.76 11.90 -8.98
CA HIS A 103 -5.71 11.24 -7.68
C HIS A 103 -4.29 10.96 -7.15
N LEU A 104 -3.37 10.57 -8.03
CA LEU A 104 -2.00 10.29 -7.63
C LEU A 104 -1.33 11.56 -7.10
N GLN A 105 -1.42 12.65 -7.87
CA GLN A 105 -0.84 13.92 -7.45
C GLN A 105 -1.43 14.43 -6.14
N ARG A 106 -2.75 14.29 -5.98
CA ARG A 106 -3.42 14.71 -4.75
C ARG A 106 -2.95 13.84 -3.59
N ALA A 107 -2.81 12.53 -3.83
CA ALA A 107 -2.39 11.60 -2.81
C ALA A 107 -0.95 11.86 -2.41
N ARG A 108 -0.09 11.98 -3.41
CA ARG A 108 1.31 12.29 -3.16
C ARG A 108 1.43 13.47 -2.20
N GLU A 109 0.63 14.50 -2.45
CA GLU A 109 0.70 15.72 -1.66
C GLU A 109 0.28 15.48 -0.19
N HIS A 110 -0.78 14.69 0.00
CA HIS A 110 -1.19 14.27 1.33
C HIS A 110 -0.04 13.56 2.09
N PHE A 111 0.59 12.59 1.43
CA PHE A 111 1.66 11.82 2.06
C PHE A 111 2.87 12.69 2.36
N ILE A 112 3.24 13.57 1.43
CA ILE A 112 4.31 14.50 1.71
C ILE A 112 3.96 15.34 2.94
N ASN A 113 2.72 15.80 3.04
CA ASN A 113 2.31 16.59 4.21
C ASN A 113 2.51 15.79 5.49
N TYR A 114 2.11 14.54 5.46
CA TYR A 114 2.27 13.69 6.61
C TYR A 114 3.76 13.55 6.98
N LEU A 115 4.56 13.17 6.00
CA LEU A 115 5.99 12.99 6.17
C LEU A 115 6.69 14.27 6.64
N THR A 116 6.35 15.37 6.00
CA THR A 116 6.94 16.65 6.34
C THR A 116 6.70 16.99 7.82
N GLN A 117 5.49 16.75 8.31
CA GLN A 117 5.22 17.01 9.72
C GLN A 117 6.00 16.05 10.65
N CYS A 118 5.88 14.75 10.39
CA CYS A 118 6.61 13.77 11.16
C CYS A 118 8.10 14.05 11.21
N HIS A 119 8.63 14.58 10.10
CA HIS A 119 10.04 14.90 10.03
C HIS A 119 10.39 16.09 10.96
N CYS A 120 9.63 17.20 10.91
CA CYS A 120 9.87 18.31 11.86
C CYS A 120 9.82 17.83 13.31
N TYR A 121 8.86 16.95 13.61
CA TYR A 121 8.67 16.47 14.98
C TYR A 121 9.61 15.31 15.36
N HIS A 122 10.54 14.97 14.46
CA HIS A 122 11.53 13.91 14.74
C HIS A 122 10.90 12.58 15.18
N VAL A 123 9.74 12.22 14.62
CA VAL A 123 9.06 10.98 14.94
C VAL A 123 9.95 9.77 14.66
N ALA A 124 10.76 9.86 13.61
CA ALA A 124 11.72 8.80 13.27
C ALA A 124 12.76 9.37 12.32
N GLU A 125 13.94 8.75 12.23
CA GLU A 125 14.96 9.19 11.26
C GLU A 125 14.66 8.68 9.84
N PHE A 126 14.47 9.59 8.89
CA PHE A 126 14.28 9.19 7.49
C PHE A 126 14.59 10.30 6.47
N GLU A 127 14.72 9.92 5.21
CA GLU A 127 14.94 10.91 4.18
C GLU A 127 13.59 11.35 3.61
N LEU A 128 13.35 12.65 3.67
CA LEU A 128 12.09 13.22 3.23
C LEU A 128 12.11 13.29 1.72
N PRO A 129 11.08 12.73 1.07
CA PRO A 129 11.01 12.75 -0.41
C PRO A 129 10.82 14.18 -0.95
N SER A 130 11.24 14.42 -2.18
CA SER A 130 11.01 15.70 -2.85
C SER A 130 9.54 16.09 -2.83
N MSE A 131 9.26 17.39 -2.88
CA MSE A 131 7.90 17.89 -2.77
C MSE A 131 7.03 17.56 -3.97
O MSE A 131 5.80 17.55 -3.89
CB MSE A 131 7.93 19.40 -2.64
CG MSE A 131 7.67 19.90 -1.27
SE MSE A 131 7.80 21.82 -1.41
CE MSE A 131 8.90 22.22 0.19
N ALA A 132 7.69 17.32 -5.11
CA ALA A 132 7.01 17.13 -6.38
C ALA A 132 7.60 15.92 -7.10
N TYR A 133 6.75 15.14 -7.77
CA TYR A 133 7.23 14.10 -8.68
C TYR A 133 8.24 14.74 -9.63
N PRO A 134 9.37 14.04 -9.89
CA PRO A 134 9.72 12.72 -9.37
C PRO A 134 10.79 12.75 -8.29
N SER A 135 10.60 11.93 -7.26
CA SER A 135 11.61 11.77 -6.23
C SER A 135 12.62 10.73 -6.71
N LEU A 136 13.78 11.19 -7.17
CA LEU A 136 14.77 10.30 -7.77
C LEU A 136 15.23 9.22 -6.78
N VAL A 137 15.20 7.97 -7.22
CA VAL A 137 15.75 6.86 -6.45
C VAL A 137 16.34 5.80 -7.38
N ALA A 138 17.65 5.57 -7.27
CA ALA A 138 18.31 4.59 -8.12
C ALA A 138 18.76 3.37 -7.33
N GLN A 142 19.22 -0.40 -2.44
CA GLN A 142 18.01 0.12 -3.09
C GLN A 142 16.84 -0.86 -2.95
N ARG A 143 17.17 -2.15 -2.92
CA ARG A 143 16.24 -3.23 -2.64
C ARG A 143 16.35 -3.61 -1.17
N GLN A 144 17.57 -3.48 -0.64
CA GLN A 144 17.82 -3.74 0.76
C GLN A 144 16.92 -2.89 1.63
N ALA A 145 16.77 -1.63 1.27
CA ALA A 145 15.96 -0.68 2.02
C ALA A 145 14.57 -1.23 2.23
N LYS A 146 14.09 -1.95 1.23
CA LYS A 146 12.74 -2.51 1.23
C LYS A 146 12.66 -3.73 2.14
N ILE A 147 13.63 -4.62 2.04
CA ILE A 147 13.69 -5.73 2.97
C ILE A 147 13.71 -5.23 4.43
N GLN A 148 14.62 -4.32 4.73
CA GLN A 148 14.68 -3.68 6.05
C GLN A 148 13.32 -3.07 6.42
N ARG A 149 12.74 -2.28 5.51
CA ARG A 149 11.44 -1.67 5.73
C ARG A 149 10.32 -2.71 5.99
N TYR A 150 10.42 -3.87 5.33
CA TYR A 150 9.40 -4.91 5.46
C TYR A 150 9.46 -5.55 6.83
N LYS A 151 10.66 -5.90 7.25
CA LYS A 151 10.88 -6.44 8.57
C LYS A 151 10.47 -5.43 9.64
N GLN A 152 10.73 -4.15 9.41
CA GLN A 152 10.35 -3.13 10.36
C GLN A 152 8.83 -3.09 10.50
N LYS A 153 8.12 -3.03 9.38
CA LYS A 153 6.67 -3.00 9.41
C LYS A 153 6.06 -4.22 10.10
N LYS A 154 6.58 -5.41 9.81
CA LYS A 154 6.09 -6.61 10.48
C LYS A 154 6.27 -6.52 12.00
N GLU A 155 7.40 -6.01 12.43
CA GLU A 155 7.67 -5.83 13.84
C GLU A 155 6.78 -4.76 14.48
N LEU A 156 6.59 -3.61 13.82
CA LEU A 156 5.67 -2.60 14.34
C LEU A 156 4.24 -3.18 14.48
N GLU A 157 3.76 -3.79 13.40
CA GLU A 157 2.39 -4.33 13.38
C GLU A 157 2.16 -5.37 14.47
N HIS A 158 3.18 -6.17 14.74
CA HIS A 158 3.11 -7.09 15.86
C HIS A 158 3.03 -6.37 17.22
N ARG A 159 3.94 -5.44 17.49
CA ARG A 159 3.87 -4.71 18.75
C ARG A 159 2.50 -4.07 18.92
N LEU A 160 2.03 -3.43 17.85
CA LEU A 160 0.73 -2.78 17.87
C LEU A 160 -0.35 -3.78 18.23
N SER A 161 -0.28 -4.97 17.64
CA SER A 161 -1.35 -5.93 17.85
C SER A 161 -1.40 -6.38 19.31
N ALA A 162 -0.31 -6.17 20.02
CA ALA A 162 -0.25 -6.58 21.41
C ALA A 162 -0.78 -5.48 22.31
N MSE A 163 -0.82 -4.25 21.82
CA MSE A 163 -1.20 -3.13 22.68
C MSE A 163 -2.56 -2.54 22.41
O MSE A 163 -3.09 -1.82 23.25
CB MSE A 163 -0.18 -2.01 22.55
CG MSE A 163 1.26 -2.41 22.73
SE MSE A 163 2.39 -0.88 22.34
CE MSE A 163 2.04 0.15 23.93
N LYS A 164 -3.12 -2.82 21.22
CA LYS A 164 -4.34 -2.16 20.77
C LYS A 164 -5.47 -2.22 21.77
N SER A 165 -5.79 -3.43 22.22
CA SER A 165 -6.87 -3.63 23.14
C SER A 165 -6.68 -2.85 24.42
N ALA A 166 -5.52 -3.02 25.06
CA ALA A 166 -5.15 -2.29 26.27
C ALA A 166 -5.43 -0.78 26.15
N VAL A 167 -5.08 -0.18 25.02
CA VAL A 167 -5.27 1.25 24.85
C VAL A 167 -6.73 1.60 24.61
N GLU A 168 -7.32 0.95 23.62
CA GLU A 168 -8.72 1.21 23.27
C GLU A 168 -9.66 0.92 24.44
N SER A 169 -9.29 -0.03 25.28
CA SER A 169 -10.17 -0.36 26.38
C SER A 169 -9.73 0.32 27.67
N GLY A 170 -8.91 1.37 27.54
CA GLY A 170 -8.46 2.20 28.65
C GLY A 170 -7.70 1.53 29.79
N GLN A 171 -6.91 0.51 29.49
CA GLN A 171 -6.15 -0.20 30.53
C GLN A 171 -4.65 0.02 30.39
N ALA A 172 -4.27 1.16 29.80
CA ALA A 172 -2.89 1.48 29.54
C ALA A 172 -2.53 2.82 30.18
N ASP A 173 -1.39 2.85 30.88
CA ASP A 173 -0.90 4.13 31.40
C ASP A 173 -0.52 5.10 30.28
N ASP A 174 -0.22 6.34 30.65
CA ASP A 174 0.09 7.36 29.66
C ASP A 174 1.31 6.97 28.84
N GLU A 175 2.34 6.45 29.51
CA GLU A 175 3.56 5.99 28.85
C GLU A 175 3.20 5.02 27.74
N ARG A 176 2.43 4.00 28.09
CA ARG A 176 1.97 2.99 27.15
C ARG A 176 1.16 3.64 26.03
N VAL A 177 0.25 4.54 26.39
CA VAL A 177 -0.59 5.17 25.37
C VAL A 177 0.24 5.90 24.32
N ARG A 178 1.21 6.72 24.77
CA ARG A 178 2.08 7.45 23.85
C ARG A 178 2.95 6.51 23.02
N GLU A 179 3.46 5.45 23.63
CA GLU A 179 4.32 4.54 22.89
C GLU A 179 3.50 3.94 21.74
N TYR A 180 2.26 3.61 22.04
CA TYR A 180 1.34 3.08 21.05
C TYR A 180 1.14 4.07 19.91
N TYR A 181 0.83 5.32 20.22
CA TYR A 181 0.62 6.26 19.12
C TYR A 181 1.91 6.54 18.32
N LEU A 182 3.04 6.59 19.00
CA LEU A 182 4.33 6.64 18.33
C LEU A 182 4.47 5.55 17.27
N LEU A 183 4.21 4.32 17.69
CA LEU A 183 4.24 3.17 16.81
C LEU A 183 3.34 3.32 15.58
N HIS A 184 2.15 3.88 15.75
CA HIS A 184 1.30 4.12 14.56
C HIS A 184 1.97 5.08 13.60
N LEU A 185 2.53 6.15 14.15
CA LEU A 185 3.14 7.20 13.36
C LEU A 185 4.28 6.62 12.51
N GLN A 186 5.17 5.88 13.17
CA GLN A 186 6.23 5.19 12.46
C GLN A 186 5.70 4.24 11.41
N ARG A 187 4.75 3.39 11.78
CA ARG A 187 4.13 2.51 10.80
C ARG A 187 3.68 3.30 9.56
N TRP A 188 3.03 4.43 9.80
CA TRP A 188 2.54 5.26 8.71
C TRP A 188 3.64 6.05 7.97
N ILE A 189 4.76 6.31 8.63
CA ILE A 189 5.90 6.83 7.91
C ILE A 189 6.34 5.84 6.83
N ASP A 190 6.55 4.60 7.24
CA ASP A 190 6.90 3.53 6.33
C ASP A 190 5.87 3.41 5.20
N ILE A 191 4.59 3.32 5.53
CA ILE A 191 3.56 3.25 4.50
C ILE A 191 3.64 4.43 3.50
N SER A 192 3.71 5.65 4.01
CA SER A 192 3.77 6.82 3.14
C SER A 192 5.01 6.80 2.22
N LEU A 193 6.16 6.42 2.78
CA LEU A 193 7.38 6.36 1.99
C LEU A 193 7.19 5.39 0.82
N GLU A 194 6.60 4.25 1.16
CA GLU A 194 6.43 3.17 0.24
C GLU A 194 5.42 3.59 -0.83
N GLU A 195 4.41 4.36 -0.42
CA GLU A 195 3.38 4.76 -1.38
C GLU A 195 3.88 5.83 -2.32
N ILE A 196 4.73 6.70 -1.82
CA ILE A 196 5.25 7.72 -2.69
C ILE A 196 6.09 7.10 -3.79
N GLU A 197 6.91 6.11 -3.44
CA GLU A 197 7.67 5.35 -4.43
C GLU A 197 6.74 4.73 -5.46
N SER A 198 5.65 4.15 -4.99
CA SER A 198 4.68 3.50 -5.85
C SER A 198 4.02 4.52 -6.79
N ILE A 199 3.61 5.65 -6.21
CA ILE A 199 2.96 6.73 -6.94
C ILE A 199 3.85 7.29 -8.05
N ASP A 200 5.13 7.50 -7.74
CA ASP A 200 6.05 8.03 -8.71
C ASP A 200 6.22 7.09 -9.90
N GLN A 201 6.13 5.79 -9.64
CA GLN A 201 6.24 4.84 -10.73
C GLN A 201 4.98 4.89 -11.60
N GLU A 202 3.81 5.00 -10.97
CA GLU A 202 2.55 5.06 -11.71
C GLU A 202 2.39 6.34 -12.51
N ILE A 203 2.81 7.47 -11.95
CA ILE A 203 2.79 8.72 -12.70
C ILE A 203 3.68 8.64 -13.95
N LYS A 204 4.92 8.20 -13.77
CA LYS A 204 5.85 8.02 -14.88
C LYS A 204 5.17 7.25 -16.00
N ILE A 205 4.50 6.16 -15.66
CA ILE A 205 3.78 5.39 -16.67
C ILE A 205 2.64 6.17 -17.32
N LEU A 206 1.78 6.76 -16.49
CA LEU A 206 0.63 7.51 -16.97
C LEU A 206 1.01 8.69 -17.86
N ARG A 207 2.02 9.44 -17.42
CA ARG A 207 2.52 10.57 -18.19
C ARG A 207 2.96 10.12 -19.57
N GLU A 208 3.86 9.14 -19.60
CA GLU A 208 4.32 8.59 -20.87
C GLU A 208 3.24 7.76 -21.53
N ARG A 209 2.34 8.43 -22.23
CA ARG A 209 1.16 7.81 -22.82
C ARG A 209 0.41 8.84 -23.66
N PHE B 4 0.81 -28.40 4.10
CA PHE B 4 -0.39 -28.34 3.30
C PHE B 4 -0.47 -27.02 2.57
N THR B 5 0.18 -26.94 1.41
CA THR B 5 -0.06 -25.83 0.52
C THR B 5 -0.62 -26.36 -0.79
N LYS B 6 -1.89 -26.72 -0.71
CA LYS B 6 -2.68 -27.12 -1.86
C LYS B 6 -3.29 -25.87 -2.51
N GLU B 7 -3.34 -24.79 -1.75
CA GLU B 7 -3.94 -23.53 -2.22
C GLU B 7 -3.20 -23.07 -3.47
N LEU B 8 -1.88 -23.24 -3.46
CA LEU B 8 -1.05 -22.90 -4.60
C LEU B 8 -1.37 -23.76 -5.80
N ASP B 9 -1.52 -25.07 -5.56
CA ASP B 9 -1.84 -26.02 -6.60
C ASP B 9 -3.06 -25.53 -7.39
N GLN B 10 -4.13 -25.18 -6.68
CA GLN B 10 -5.34 -24.66 -7.29
C GLN B 10 -5.06 -23.40 -8.12
N TRP B 11 -4.29 -22.46 -7.57
CA TRP B 11 -3.95 -21.24 -8.28
C TRP B 11 -3.19 -21.57 -9.58
N ILE B 12 -2.14 -22.36 -9.45
CA ILE B 12 -1.32 -22.76 -10.60
C ILE B 12 -2.14 -23.50 -11.66
N GLU B 13 -2.97 -24.43 -11.22
CA GLU B 13 -3.87 -25.13 -12.12
C GLU B 13 -4.72 -24.12 -12.88
N GLN B 14 -5.30 -23.16 -12.15
CA GLN B 14 -6.19 -22.16 -12.73
C GLN B 14 -5.49 -21.25 -13.73
N LEU B 15 -4.24 -20.93 -13.43
CA LEU B 15 -3.44 -20.03 -14.26
C LEU B 15 -2.99 -20.70 -15.56
N ASN B 16 -2.77 -22.01 -15.51
CA ASN B 16 -2.40 -22.73 -16.71
C ASN B 16 -3.53 -22.75 -17.75
N GLU B 17 -4.77 -22.83 -17.29
CA GLU B 17 -5.92 -22.68 -18.19
C GLU B 17 -6.06 -21.22 -18.68
N CYS B 18 -5.13 -20.36 -18.26
CA CYS B 18 -5.08 -18.95 -18.64
C CYS B 18 -6.20 -18.08 -18.06
N LYS B 19 -6.78 -18.56 -16.95
CA LYS B 19 -7.74 -17.78 -16.18
C LYS B 19 -7.00 -16.99 -15.10
N GLN B 20 -7.17 -15.67 -15.11
CA GLN B 20 -6.49 -14.80 -14.14
C GLN B 20 -6.85 -15.17 -12.71
N LEU B 21 -6.08 -14.66 -11.74
CA LEU B 21 -6.49 -14.77 -10.35
C LEU B 21 -7.19 -13.47 -9.94
N SER B 22 -7.84 -13.47 -8.78
CA SER B 22 -8.47 -12.25 -8.29
C SER B 22 -7.50 -11.39 -7.47
N GLU B 23 -7.78 -10.08 -7.42
CA GLU B 23 -7.01 -9.14 -6.62
C GLU B 23 -6.59 -9.71 -5.27
N SER B 24 -7.56 -10.26 -4.54
CA SER B 24 -7.31 -10.79 -3.20
C SER B 24 -6.26 -11.89 -3.23
N GLN B 25 -6.35 -12.72 -4.25
CA GLN B 25 -5.42 -13.82 -4.43
C GLN B 25 -4.08 -13.29 -4.89
N VAL B 26 -4.12 -12.33 -5.83
CA VAL B 26 -2.88 -11.75 -6.33
C VAL B 26 -2.16 -11.07 -5.18
N LYS B 27 -2.92 -10.42 -4.31
CA LYS B 27 -2.33 -9.75 -3.17
C LYS B 27 -1.73 -10.81 -2.23
N SER B 28 -2.46 -11.89 -2.01
CA SER B 28 -2.04 -12.90 -1.04
C SER B 28 -0.77 -13.56 -1.55
N LEU B 29 -0.70 -13.74 -2.86
CA LEU B 29 0.45 -14.37 -3.50
C LEU B 29 1.70 -13.53 -3.30
N CYS B 30 1.59 -12.24 -3.58
CA CYS B 30 2.73 -11.34 -3.48
C CYS B 30 3.30 -11.32 -2.07
N GLU B 31 2.41 -11.32 -1.07
CA GLU B 31 2.86 -11.33 0.32
C GLU B 31 3.61 -12.62 0.70
N LYS B 32 3.10 -13.77 0.26
CA LYS B 32 3.79 -15.02 0.49
C LYS B 32 5.20 -14.91 -0.09
N ALA B 33 5.29 -14.47 -1.34
CA ALA B 33 6.59 -14.27 -2.00
C ALA B 33 7.48 -13.33 -1.18
N LYS B 34 6.93 -12.19 -0.79
CA LYS B 34 7.68 -11.18 -0.05
C LYS B 34 8.22 -11.81 1.21
N GLU B 35 7.47 -12.74 1.75
CA GLU B 35 7.85 -13.36 3.01
C GLU B 35 9.06 -14.23 2.79
N ILE B 36 9.02 -15.03 1.75
CA ILE B 36 10.17 -15.85 1.39
C ILE B 36 11.36 -14.96 1.11
N LEU B 37 11.21 -14.13 0.08
CA LEU B 37 12.24 -13.20 -0.37
C LEU B 37 13.04 -12.56 0.76
N THR B 38 12.34 -12.08 1.77
CA THR B 38 12.99 -11.33 2.83
C THR B 38 13.63 -12.21 3.90
N LYS B 39 14.37 -13.23 3.47
CA LYS B 39 15.10 -14.08 4.40
C LYS B 39 16.54 -14.36 3.96
N GLU B 40 16.73 -14.59 2.66
CA GLU B 40 18.07 -14.75 2.08
C GLU B 40 18.05 -14.50 0.57
N CYS B 53 4.89 -31.13 -12.47
CA CYS B 53 5.94 -30.14 -12.53
C CYS B 53 6.09 -29.58 -13.94
N GLY B 54 5.07 -29.77 -14.78
CA GLY B 54 5.17 -29.42 -16.20
C GLY B 54 4.02 -28.68 -16.86
N ASP B 55 4.35 -27.58 -17.54
CA ASP B 55 3.38 -26.72 -18.22
C ASP B 55 3.23 -27.08 -19.70
N GLY B 58 3.20 -19.75 -23.08
CA GLY B 58 3.65 -18.60 -22.30
C GLY B 58 5.07 -18.72 -21.75
N GLN B 59 5.32 -19.82 -21.04
CA GLN B 59 6.67 -20.20 -20.66
C GLN B 59 7.06 -21.37 -21.58
N PHE B 60 8.35 -21.67 -21.68
CA PHE B 60 8.84 -22.70 -22.60
C PHE B 60 9.91 -23.62 -22.01
N HIS B 61 9.78 -24.92 -22.26
CA HIS B 61 10.68 -25.92 -21.69
C HIS B 61 12.12 -25.83 -22.24
N ASP B 62 13.09 -25.95 -21.33
CA ASP B 62 14.50 -26.01 -21.70
C ASP B 62 15.08 -27.32 -21.23
N LEU B 63 15.63 -28.10 -22.16
CA LEU B 63 16.53 -29.18 -21.81
C LEU B 63 17.96 -28.65 -21.80
N MSE B 64 18.77 -29.20 -20.90
CA MSE B 64 20.20 -28.92 -20.87
C MSE B 64 20.96 -29.91 -21.77
O MSE B 64 20.38 -30.90 -22.27
CB MSE B 64 20.70 -29.06 -19.42
CG MSE B 64 22.11 -28.57 -19.22
SE MSE B 64 22.91 -29.19 -17.58
CE MSE B 64 24.76 -28.72 -18.00
N GLU B 65 22.25 -29.65 -21.99
CA GLU B 65 23.12 -30.59 -22.70
C GLU B 65 24.57 -30.63 -22.20
N LEU B 66 25.21 -31.79 -22.31
CA LEU B 66 26.60 -31.98 -21.88
C LEU B 66 26.85 -31.90 -20.37
N PHE B 67 26.91 -33.06 -19.71
CA PHE B 67 27.23 -33.14 -18.28
C PHE B 67 26.33 -32.19 -17.48
N ASP B 75 18.79 -32.74 -10.62
CA ASP B 75 19.11 -31.39 -10.19
C ASP B 75 17.86 -30.49 -10.04
N THR B 76 17.67 -29.59 -11.00
CA THR B 76 16.53 -28.64 -11.06
C THR B 76 15.89 -28.63 -12.46
N ASN B 77 14.66 -28.11 -12.59
CA ASN B 77 14.05 -27.95 -13.91
C ASN B 77 14.28 -26.56 -14.49
N TYR B 78 14.22 -26.47 -15.82
CA TYR B 78 14.55 -25.22 -16.50
C TYR B 78 13.38 -24.64 -17.28
N LEU B 79 13.25 -23.32 -17.25
CA LEU B 79 12.15 -22.65 -17.93
C LEU B 79 12.55 -21.32 -18.50
N PHE B 80 12.09 -21.05 -19.71
CA PHE B 80 12.41 -19.81 -20.39
C PHE B 80 11.19 -18.91 -20.41
N MSE B 81 11.37 -17.61 -20.20
CA MSE B 81 10.21 -16.76 -20.15
C MSE B 81 9.98 -15.90 -21.39
O MSE B 81 10.87 -15.16 -21.84
CB MSE B 81 10.20 -15.91 -18.89
CG MSE B 81 8.89 -15.15 -18.78
SE MSE B 81 8.50 -14.19 -17.14
CE MSE B 81 7.62 -15.65 -16.22
N GLY B 82 8.75 -15.99 -21.90
CA GLY B 82 8.30 -15.24 -23.05
C GLY B 82 8.55 -16.02 -24.32
N ASP B 83 8.17 -15.47 -25.48
CA ASP B 83 8.57 -16.09 -26.74
C ASP B 83 10.04 -15.75 -27.00
N TYR B 84 10.29 -14.74 -27.82
CA TYR B 84 11.63 -14.15 -27.89
C TYR B 84 11.59 -12.62 -27.88
N VAL B 85 11.97 -12.05 -26.73
CA VAL B 85 11.87 -10.61 -26.40
C VAL B 85 10.45 -10.16 -25.97
N ASP B 86 9.89 -9.12 -26.59
CA ASP B 86 8.71 -8.43 -26.04
C ASP B 86 8.95 -8.04 -24.59
N TYR B 90 4.71 -9.44 -22.00
CA TYR B 90 4.27 -10.32 -20.89
C TYR B 90 2.84 -10.05 -20.44
N SER B 91 2.09 -11.14 -20.22
CA SER B 91 0.68 -11.05 -19.83
C SER B 91 0.55 -11.20 -18.32
N VAL B 92 -0.56 -10.70 -17.78
CA VAL B 92 -0.84 -10.75 -16.36
C VAL B 92 -0.74 -12.17 -15.84
N GLU B 93 -1.40 -13.09 -16.55
CA GLU B 93 -1.39 -14.48 -16.15
C GLU B 93 0.02 -15.06 -16.17
N THR B 94 0.82 -14.67 -17.16
CA THR B 94 2.19 -15.14 -17.23
C THR B 94 2.93 -14.78 -15.95
N VAL B 95 3.08 -13.48 -15.69
CA VAL B 95 3.83 -13.07 -14.51
C VAL B 95 3.17 -13.56 -13.22
N THR B 96 1.85 -13.64 -13.20
CA THR B 96 1.22 -14.23 -12.03
C THR B 96 1.71 -15.66 -11.84
N LEU B 97 1.75 -16.43 -12.92
CA LEU B 97 2.15 -17.82 -12.84
C LEU B 97 3.59 -17.96 -12.42
N LEU B 98 4.42 -17.06 -12.94
CA LEU B 98 5.83 -17.03 -12.60
C LEU B 98 5.98 -17.02 -11.09
N VAL B 99 5.28 -16.08 -10.46
CA VAL B 99 5.37 -15.92 -9.01
C VAL B 99 4.85 -17.16 -8.29
N ALA B 100 3.64 -17.61 -8.65
CA ALA B 100 3.03 -18.77 -8.00
C ALA B 100 3.93 -20.01 -8.10
N LEU B 101 4.60 -20.16 -9.23
CA LEU B 101 5.51 -21.29 -9.44
C LEU B 101 6.67 -21.27 -8.46
N LYS B 102 7.37 -20.13 -8.44
CA LYS B 102 8.55 -19.97 -7.61
C LYS B 102 8.23 -20.08 -6.12
N VAL B 103 6.99 -19.76 -5.75
CA VAL B 103 6.55 -19.89 -4.37
C VAL B 103 6.27 -21.35 -4.02
N ARG B 104 5.70 -22.10 -4.95
CA ARG B 104 5.42 -23.51 -4.71
C ARG B 104 6.70 -24.35 -4.74
N TYR B 105 7.59 -24.02 -5.67
CA TYR B 105 8.69 -24.92 -5.95
C TYR B 105 10.09 -24.44 -5.55
N ARG B 106 10.25 -23.15 -5.32
CA ARG B 106 11.54 -22.59 -4.90
C ARG B 106 12.64 -22.92 -5.92
N GLU B 107 13.76 -23.42 -5.43
CA GLU B 107 14.88 -23.81 -6.28
C GLU B 107 14.56 -24.95 -7.27
N ARG B 108 13.49 -25.71 -7.03
CA ARG B 108 13.11 -26.84 -7.91
C ARG B 108 12.91 -26.39 -9.38
N ILE B 109 12.51 -25.15 -9.57
CA ILE B 109 12.32 -24.63 -10.92
C ILE B 109 13.13 -23.37 -11.14
N THR B 110 14.13 -23.47 -11.99
CA THR B 110 14.92 -22.32 -12.37
C THR B 110 14.24 -21.65 -13.55
N ILE B 111 14.04 -20.33 -13.46
CA ILE B 111 13.37 -19.59 -14.54
C ILE B 111 14.25 -18.50 -15.15
N LEU B 112 14.33 -18.51 -16.47
CA LEU B 112 15.24 -17.61 -17.20
C LEU B 112 14.59 -16.80 -18.32
N ARG B 113 15.08 -15.57 -18.51
CA ARG B 113 14.73 -14.75 -19.66
C ARG B 113 16.01 -14.22 -20.29
N GLY B 114 15.90 -13.46 -21.37
CA GLY B 114 17.05 -12.82 -22.01
C GLY B 114 17.73 -11.71 -21.19
N ASN B 115 17.63 -10.47 -21.67
CA ASN B 115 18.26 -9.34 -20.99
C ASN B 115 17.50 -8.02 -21.19
N ILE B 121 10.11 -4.10 -16.37
CA ILE B 121 9.51 -5.44 -16.42
C ILE B 121 8.02 -5.46 -16.02
N THR B 122 7.69 -4.75 -14.96
CA THR B 122 6.32 -4.49 -14.59
C THR B 122 6.02 -3.12 -15.15
N GLN B 123 7.10 -2.38 -15.38
CA GLN B 123 7.04 -1.00 -15.81
C GLN B 123 6.97 -0.89 -17.32
N VAL B 124 5.90 -1.41 -17.92
CA VAL B 124 5.65 -1.17 -19.33
C VAL B 124 4.19 -0.75 -19.48
N TYR B 125 3.90 0.16 -20.42
CA TYR B 125 2.54 0.66 -20.56
C TYR B 125 1.55 -0.46 -20.92
N GLY B 126 1.98 -1.38 -21.77
CA GLY B 126 1.16 -2.51 -22.17
C GLY B 126 0.77 -3.43 -21.02
N PHE B 127 1.67 -3.56 -20.05
CA PHE B 127 1.40 -4.41 -18.90
C PHE B 127 0.52 -3.71 -17.87
N TYR B 128 0.71 -2.41 -17.73
CA TYR B 128 -0.12 -1.62 -16.86
C TYR B 128 -1.56 -1.64 -17.39
N ASP B 129 -1.72 -1.29 -18.67
CA ASP B 129 -3.02 -1.33 -19.32
C ASP B 129 -3.68 -2.70 -19.24
N GLU B 130 -2.88 -3.76 -19.36
CA GLU B 130 -3.42 -5.10 -19.29
C GLU B 130 -3.98 -5.38 -17.90
N CYS B 131 -3.28 -4.95 -16.86
CA CYS B 131 -3.79 -5.12 -15.50
C CYS B 131 -5.07 -4.33 -15.33
N LEU B 132 -5.07 -3.12 -15.86
CA LEU B 132 -6.19 -2.22 -15.75
C LEU B 132 -7.44 -2.74 -16.47
N ARG B 133 -7.24 -3.44 -17.59
CA ARG B 133 -8.35 -4.04 -18.33
C ARG B 133 -8.92 -5.23 -17.56
N LYS B 134 -8.03 -6.04 -16.97
CA LYS B 134 -8.45 -7.30 -16.35
C LYS B 134 -8.88 -7.16 -14.89
N TYR B 135 -8.79 -5.96 -14.35
CA TYR B 135 -9.13 -5.74 -12.94
C TYR B 135 -9.80 -4.39 -12.79
N GLY B 136 -10.54 -4.23 -11.71
CA GLY B 136 -11.22 -2.97 -11.51
C GLY B 136 -10.32 -1.75 -11.58
N ASN B 137 -9.00 -1.95 -11.52
CA ASN B 137 -8.11 -0.87 -11.09
C ASN B 137 -6.62 -1.19 -11.16
N ALA B 138 -5.82 -0.35 -10.51
CA ALA B 138 -4.35 -0.43 -10.60
C ALA B 138 -3.69 -1.22 -9.45
N ASN B 139 -4.48 -1.85 -8.60
CA ASN B 139 -3.90 -2.46 -7.41
C ASN B 139 -2.99 -3.63 -7.72
N VAL B 140 -3.47 -4.54 -8.57
CA VAL B 140 -2.72 -5.70 -8.99
C VAL B 140 -1.35 -5.27 -9.54
N TRP B 141 -1.34 -4.25 -10.38
CA TRP B 141 -0.10 -3.71 -10.92
C TRP B 141 0.82 -3.22 -9.80
N LYS B 142 0.23 -2.58 -8.80
CA LYS B 142 1.02 -2.12 -7.67
C LYS B 142 1.62 -3.30 -6.93
N TYR B 143 0.81 -4.33 -6.70
CA TYR B 143 1.27 -5.48 -5.93
C TYR B 143 2.51 -6.09 -6.59
N PHE B 144 2.45 -6.24 -7.91
CA PHE B 144 3.57 -6.81 -8.66
C PHE B 144 4.76 -5.88 -8.70
N THR B 145 4.52 -4.63 -9.07
CA THR B 145 5.56 -3.62 -9.07
C THR B 145 6.29 -3.61 -7.73
N ASP B 146 5.52 -3.61 -6.64
CA ASP B 146 6.10 -3.71 -5.32
C ASP B 146 6.94 -4.97 -5.22
N LEU B 147 6.32 -6.12 -5.47
CA LEU B 147 6.98 -7.41 -5.36
C LEU B 147 8.30 -7.52 -6.13
N PHE B 148 8.31 -7.03 -7.37
CA PHE B 148 9.50 -7.14 -8.20
C PHE B 148 10.64 -6.23 -7.75
N ASP B 149 10.31 -5.23 -6.94
CA ASP B 149 11.33 -4.38 -6.31
C ASP B 149 12.13 -5.16 -5.29
N TYR B 150 11.80 -6.43 -5.11
CA TYR B 150 12.51 -7.27 -4.14
C TYR B 150 13.48 -8.19 -4.88
N LEU B 151 13.38 -8.24 -6.20
CA LEU B 151 14.23 -9.09 -7.03
C LEU B 151 15.54 -8.37 -7.41
#